data_5HWL
#
_entry.id   5HWL
#
_cell.length_a   50.970
_cell.length_b   48.890
_cell.length_c   90.990
_cell.angle_alpha   90.000
_cell.angle_beta   93.380
_cell.angle_gamma   90.000
#
_symmetry.space_group_name_H-M   'P 1 21 1'
#
loop_
_entity.id
_entity.type
_entity.pdbx_description
1 polymer 'Glutathione S-transferase Mu 2'
2 non-polymer GLUTATHIONE
3 non-polymer "N,N'-(butane-1,4-diyl)bis{2-[2,3-dichloro-4-(2-methylidenebutanoyl)phenoxy]acetamide}"
4 water water
#
_entity_poly.entity_id   1
_entity_poly.type   'polypeptide(L)'
_entity_poly.pdbx_seq_one_letter_code
;PMTLGYWNIRGLAHSIRLLLEYTDSSYEEKKYTMGDAPDYDRSQWLNEKFKLGLDFPNLPYLIDGTHKITQSNAILRYIA
RKHNLCGESEKEQIREDILENQFMDSRMQLAKLCYDPDFEKLKPEYLQALPEMLKLYSQFLGKQPWFLGDKITFVDFIAY
DVLERNQVFEPSCLDAFPNLKDFISRFEGLEKISAYMKSSRFLPRPVFTKMAVWGNK
;
_entity_poly.pdbx_strand_id   A,B
#
loop_
_chem_comp.id
_chem_comp.type
_chem_comp.name
_chem_comp.formula
GSH non-polymer GLUTATHIONE 'C10 H17 N3 O6 S'
NNE non-polymer N,N'-(butane-1,4-diyl)bis{2-[2,3-dichloro-4-(2-methylidenebutanoyl)phenoxy]acetamide} 'C30 H32 Cl4 N2 O6'
#
# COMPACT_ATOMS: atom_id res chain seq x y z
N PRO A 1 18.04 -19.05 11.63
CA PRO A 1 17.63 -17.92 12.44
C PRO A 1 16.50 -17.01 12.05
N MET A 2 16.28 -16.60 10.89
CA MET A 2 15.21 -15.62 10.58
C MET A 2 13.96 -16.46 10.42
N THR A 3 12.78 -15.97 10.79
CA THR A 3 11.61 -16.72 10.64
C THR A 3 10.55 -15.91 9.81
N LEU A 4 10.02 -16.59 8.79
CA LEU A 4 9.00 -16.07 7.96
C LEU A 4 7.71 -16.75 8.25
N GLY A 5 6.72 -15.96 8.64
CA GLY A 5 5.41 -16.41 8.94
C GLY A 5 4.29 -16.01 7.98
N TYR A 6 3.55 -17.04 7.55
CA TYR A 6 2.47 -16.82 6.63
C TYR A 6 1.59 -18.06 6.49
N TRP A 7 0.46 -17.86 5.85
CA TRP A 7 -0.39 -18.92 5.57
C TRP A 7 0.35 -19.86 4.53
N ASN A 8 -0.18 -21.07 4.41
CA ASN A 8 0.39 -22.05 3.55
C ASN A 8 -0.07 -21.96 2.08
N ILE A 9 0.18 -20.82 1.54
CA ILE A 9 -0.19 -20.42 0.21
C ILE A 9 0.83 -19.43 -0.33
N ARG A 10 0.66 -19.14 -1.59
CA ARG A 10 1.42 -18.21 -2.30
C ARG A 10 1.20 -16.74 -1.67
N GLY A 11 0.06 -16.20 -1.91
CA GLY A 11 -0.34 -14.93 -1.42
C GLY A 11 0.76 -13.84 -1.35
N LEU A 12 0.74 -13.13 -0.29
CA LEU A 12 1.64 -12.03 -0.12
C LEU A 12 3.04 -12.40 0.29
N ALA A 13 3.29 -13.67 0.43
CA ALA A 13 4.65 -14.09 0.82
C ALA A 13 5.54 -14.58 -0.31
N HIS A 14 4.95 -14.62 -1.49
CA HIS A 14 5.65 -15.15 -2.71
C HIS A 14 6.89 -14.35 -3.01
N SER A 15 6.68 -13.04 -3.05
CA SER A 15 7.78 -12.15 -3.32
C SER A 15 8.86 -12.18 -2.27
N ILE A 16 8.44 -12.35 -1.06
CA ILE A 16 9.32 -12.38 0.08
C ILE A 16 10.22 -13.66 0.08
N ARG A 17 9.54 -14.77 -0.13
CA ARG A 17 10.21 -16.06 -0.26
C ARG A 17 11.30 -16.03 -1.41
N LEU A 18 10.90 -15.55 -2.58
CA LEU A 18 11.76 -15.44 -3.70
C LEU A 18 12.95 -14.52 -3.34
N LEU A 19 12.74 -13.42 -2.65
CA LEU A 19 13.80 -12.46 -2.27
C LEU A 19 14.78 -13.10 -1.26
N LEU A 20 14.26 -13.81 -0.32
CA LEU A 20 15.05 -14.52 0.67
C LEU A 20 15.94 -15.61 -0.02
N GLU A 21 15.35 -16.29 -0.97
CA GLU A 21 16.11 -17.24 -1.83
C GLU A 21 17.21 -16.58 -2.67
N TYR A 22 16.88 -15.52 -3.34
CA TYR A 22 17.83 -14.79 -4.15
C TYR A 22 19.08 -14.26 -3.35
N THR A 23 18.80 -13.78 -2.16
CA THR A 23 19.71 -13.26 -1.23
C THR A 23 20.53 -14.27 -0.37
N ASP A 24 20.24 -15.53 -0.60
CA ASP A 24 20.82 -16.69 0.09
C ASP A 24 20.74 -16.47 1.59
N SER A 25 19.59 -15.99 1.96
CA SER A 25 19.26 -15.80 3.31
C SER A 25 18.98 -17.07 3.95
N SER A 26 19.42 -17.14 5.19
CA SER A 26 19.11 -18.30 6.07
C SER A 26 17.84 -18.13 6.88
N TYR A 27 16.83 -18.94 6.64
CA TYR A 27 15.57 -18.72 7.26
C TYR A 27 14.81 -19.92 7.38
N GLU A 28 13.85 -19.90 8.27
CA GLU A 28 12.92 -20.94 8.39
C GLU A 28 11.46 -20.35 8.20
N GLU A 29 10.52 -21.13 7.77
CA GLU A 29 9.17 -20.72 7.63
C GLU A 29 8.25 -21.33 8.64
N LYS A 30 7.38 -20.54 9.14
CA LYS A 30 6.35 -20.97 9.99
C LYS A 30 5.05 -20.80 9.14
N LYS A 31 4.51 -21.94 8.79
CA LYS A 31 3.42 -22.05 7.91
C LYS A 31 2.14 -22.34 8.56
N TYR A 32 1.19 -21.44 8.55
CA TYR A 32 -0.04 -21.63 9.15
C TYR A 32 -1.08 -22.18 8.13
N THR A 33 -1.85 -23.14 8.55
CA THR A 33 -2.85 -23.67 7.71
C THR A 33 -4.26 -23.20 8.06
N MET A 34 -4.93 -22.55 7.14
CA MET A 34 -6.30 -22.17 7.31
C MET A 34 -7.18 -23.39 7.10
N GLY A 35 -8.23 -23.48 7.83
CA GLY A 35 -9.18 -24.54 7.60
C GLY A 35 -10.08 -24.34 6.42
N ASP A 36 -10.71 -25.41 5.98
CA ASP A 36 -11.62 -25.28 4.85
C ASP A 36 -12.95 -24.68 5.21
N ALA A 37 -13.74 -24.39 4.16
CA ALA A 37 -15.02 -23.90 4.24
C ALA A 37 -15.82 -24.97 4.81
N PRO A 38 -16.89 -24.59 5.47
CA PRO A 38 -17.33 -23.22 5.71
C PRO A 38 -16.75 -22.46 6.88
N ASP A 39 -16.13 -23.07 7.82
CA ASP A 39 -15.62 -22.42 8.96
C ASP A 39 -14.37 -21.54 8.70
N TYR A 40 -13.58 -21.97 7.76
CA TYR A 40 -12.30 -21.27 7.48
C TYR A 40 -11.54 -20.98 8.78
N ASP A 41 -11.34 -21.99 9.56
CA ASP A 41 -10.67 -21.86 10.76
C ASP A 41 -9.24 -21.19 10.76
N ARG A 42 -9.10 -20.12 11.53
CA ARG A 42 -7.87 -19.38 11.62
C ARG A 42 -7.08 -19.61 12.92
N SER A 43 -7.62 -20.50 13.73
CA SER A 43 -6.98 -20.82 15.03
C SER A 43 -5.49 -21.09 15.10
N GLN A 44 -4.94 -21.63 14.08
CA GLN A 44 -3.49 -21.96 14.08
C GLN A 44 -2.65 -20.66 14.24
N TRP A 45 -3.13 -19.67 13.54
CA TRP A 45 -2.52 -18.33 13.59
C TRP A 45 -2.93 -17.58 14.93
N LEU A 46 -4.21 -17.46 15.04
CA LEU A 46 -4.82 -16.81 16.12
C LEU A 46 -4.26 -17.24 17.55
N ASN A 47 -3.83 -18.48 17.63
CA ASN A 47 -3.27 -19.00 18.88
C ASN A 47 -1.93 -18.38 19.19
N GLU A 48 -1.20 -17.85 18.20
CA GLU A 48 0.06 -17.24 18.51
C GLU A 48 0.16 -15.79 18.10
N LYS A 49 -0.84 -15.32 17.42
CA LYS A 49 -0.83 -13.95 16.84
C LYS A 49 -0.30 -12.92 17.81
N PHE A 50 -0.81 -12.94 19.02
CA PHE A 50 -0.41 -11.97 20.02
C PHE A 50 0.74 -12.40 21.01
N LYS A 51 1.46 -13.41 20.65
CA LYS A 51 2.61 -13.94 21.35
C LYS A 51 3.94 -13.85 20.70
N LEU A 52 4.04 -13.11 19.62
CA LEU A 52 5.27 -12.99 18.90
C LEU A 52 6.02 -11.72 19.03
N GLY A 53 5.54 -10.82 19.86
CA GLY A 53 6.15 -9.56 20.04
C GLY A 53 5.99 -8.58 18.86
N LEU A 54 5.06 -8.80 17.99
CA LEU A 54 4.81 -7.94 16.86
C LEU A 54 4.00 -6.73 17.33
N ASP A 55 4.42 -5.58 16.85
CA ASP A 55 3.69 -4.38 17.20
C ASP A 55 2.25 -4.37 16.66
N PHE A 56 2.05 -4.85 15.44
CA PHE A 56 0.81 -4.93 14.73
C PHE A 56 0.70 -6.32 14.09
N PRO A 57 0.33 -7.25 15.02
CA PRO A 57 0.32 -8.64 14.60
C PRO A 57 -0.41 -8.89 13.24
N ASN A 58 0.24 -9.58 12.34
CA ASN A 58 -0.33 -9.84 11.00
C ASN A 58 0.51 -10.91 10.29
N LEU A 59 -0.01 -11.32 9.14
CA LEU A 59 0.59 -12.27 8.20
C LEU A 59 0.63 -11.54 6.83
N PRO A 60 1.86 -11.47 6.19
CA PRO A 60 3.07 -12.11 6.75
C PRO A 60 3.89 -11.35 7.82
N TYR A 61 4.73 -12.07 8.54
CA TYR A 61 5.68 -11.47 9.51
C TYR A 61 7.10 -12.09 9.31
N LEU A 62 8.06 -11.31 9.68
CA LEU A 62 9.45 -11.66 9.64
C LEU A 62 10.11 -11.35 10.95
N ILE A 63 10.69 -12.38 11.56
CA ILE A 63 11.42 -12.25 12.76
C ILE A 63 12.93 -12.41 12.45
N ASP A 64 13.71 -11.38 12.68
CA ASP A 64 15.12 -11.38 12.36
C ASP A 64 15.84 -10.81 13.46
N GLY A 65 16.17 -11.75 14.28
CA GLY A 65 16.93 -11.48 15.43
C GLY A 65 16.09 -10.61 16.25
N THR A 66 16.52 -9.49 16.53
CA THR A 66 15.67 -8.65 17.30
C THR A 66 14.70 -7.78 16.51
N HIS A 67 14.68 -7.80 15.21
CA HIS A 67 13.71 -6.99 14.41
C HIS A 67 12.48 -7.89 14.21
N LYS A 68 11.34 -7.37 14.48
CA LYS A 68 10.08 -8.02 14.31
C LYS A 68 9.24 -7.14 13.31
N ILE A 69 9.03 -7.60 12.09
CA ILE A 69 8.41 -6.81 11.03
C ILE A 69 7.14 -7.43 10.48
N THR A 70 6.15 -6.61 10.32
CA THR A 70 4.96 -6.99 9.66
C THR A 70 4.82 -6.00 8.43
N GLN A 71 3.85 -6.34 7.60
CA GLN A 71 3.56 -5.56 6.40
C GLN A 71 4.56 -6.03 5.24
N SER A 72 3.95 -6.68 4.31
CA SER A 72 4.68 -7.29 3.20
C SER A 72 5.79 -6.39 2.58
N ASN A 73 5.36 -5.19 2.32
CA ASN A 73 6.26 -4.18 1.67
C ASN A 73 7.43 -3.80 2.65
N ALA A 74 7.11 -3.74 3.93
CA ALA A 74 8.09 -3.41 4.92
C ALA A 74 9.14 -4.52 5.06
N ILE A 75 8.60 -5.70 4.98
CA ILE A 75 9.44 -6.89 5.01
C ILE A 75 10.40 -6.90 3.75
N LEU A 76 9.88 -6.70 2.56
CA LEU A 76 10.64 -6.64 1.41
C LEU A 76 11.72 -5.58 1.51
N ARG A 77 11.30 -4.41 1.97
CA ARG A 77 12.26 -3.28 2.05
C ARG A 77 13.36 -3.60 3.04
N TYR A 78 13.01 -4.27 4.12
CA TYR A 78 13.99 -4.58 5.11
C TYR A 78 15.10 -5.47 4.61
N ILE A 79 14.67 -6.51 3.94
CA ILE A 79 15.54 -7.43 3.28
C ILE A 79 16.36 -6.74 2.17
N ALA A 80 15.72 -5.95 1.38
CA ALA A 80 16.35 -5.31 0.32
C ALA A 80 17.48 -4.34 0.79
N ARG A 81 17.17 -3.58 1.84
CA ARG A 81 18.16 -2.63 2.35
C ARG A 81 19.40 -3.46 2.80
N LYS A 82 19.20 -4.63 3.24
CA LYS A 82 20.36 -5.43 3.72
C LYS A 82 21.25 -5.97 2.67
N HIS A 83 20.75 -6.14 1.46
CA HIS A 83 21.38 -6.76 0.36
C HIS A 83 21.54 -5.91 -0.86
N ASN A 84 21.50 -4.58 -0.74
CA ASN A 84 21.67 -3.67 -1.90
C ASN A 84 20.77 -3.87 -3.05
N LEU A 85 19.50 -4.07 -2.68
CA LEU A 85 18.50 -4.30 -3.65
C LEU A 85 17.47 -3.21 -3.70
N CYS A 86 17.96 -1.98 -3.60
CA CYS A 86 17.19 -0.76 -3.61
C CYS A 86 17.58 0.29 -4.66
N GLY A 87 16.68 1.15 -5.00
CA GLY A 87 16.94 2.23 -5.89
C GLY A 87 17.92 3.13 -5.19
N GLU A 88 18.78 3.79 -5.92
CA GLU A 88 19.86 4.62 -5.39
C GLU A 88 19.72 6.06 -5.71
N SER A 89 19.59 6.40 -6.94
CA SER A 89 19.34 7.83 -7.35
C SER A 89 17.96 8.26 -6.92
N GLU A 90 17.71 9.52 -6.90
CA GLU A 90 16.47 10.02 -6.54
C GLU A 90 15.42 9.58 -7.52
N LYS A 91 15.78 9.58 -8.74
CA LYS A 91 14.91 9.17 -9.75
C LYS A 91 14.53 7.67 -9.62
N GLU A 92 15.49 6.87 -9.28
CA GLU A 92 15.28 5.46 -9.03
C GLU A 92 14.31 5.28 -7.81
N GLN A 93 14.53 6.09 -6.77
CA GLN A 93 13.67 5.99 -5.60
C GLN A 93 12.23 6.38 -5.92
N ILE A 94 12.05 7.34 -6.71
CA ILE A 94 10.72 7.72 -7.10
C ILE A 94 10.00 6.59 -7.85
N ARG A 95 10.72 6.00 -8.78
CA ARG A 95 10.18 4.96 -9.57
C ARG A 95 9.83 3.71 -8.70
N GLU A 96 10.72 3.46 -7.77
CA GLU A 96 10.56 2.33 -6.85
C GLU A 96 9.27 2.54 -6.02
N ASP A 97 9.12 3.77 -5.55
CA ASP A 97 7.93 4.06 -4.76
C ASP A 97 6.61 3.92 -5.53
N ILE A 98 6.67 4.45 -6.74
CA ILE A 98 5.51 4.44 -7.57
C ILE A 98 5.09 3.00 -7.84
N LEU A 99 6.08 2.24 -8.29
CA LEU A 99 5.83 0.82 -8.66
C LEU A 99 5.38 -0.07 -7.51
N GLU A 100 6.02 0.20 -6.41
CA GLU A 100 5.66 -0.55 -5.20
C GLU A 100 4.11 -0.40 -4.96
N ASN A 101 3.67 0.84 -5.00
CA ASN A 101 2.27 1.12 -4.75
C ASN A 101 1.41 0.74 -5.95
N GLN A 102 1.91 0.96 -7.17
CA GLN A 102 1.12 0.59 -8.35
C GLN A 102 0.87 -0.92 -8.38
N PHE A 103 1.90 -1.71 -8.13
CA PHE A 103 1.72 -3.15 -8.15
C PHE A 103 0.83 -3.62 -7.01
N MET A 104 0.77 -2.94 -5.89
CA MET A 104 -0.12 -3.26 -4.79
C MET A 104 -1.60 -3.07 -5.27
N ASP A 105 -1.82 -1.96 -5.98
CA ASP A 105 -3.14 -1.74 -6.51
C ASP A 105 -3.51 -2.90 -7.44
N SER A 106 -2.55 -3.27 -8.25
CA SER A 106 -2.80 -4.36 -9.21
C SER A 106 -3.13 -5.71 -8.50
N ARG A 107 -2.35 -5.97 -7.48
CA ARG A 107 -2.52 -7.14 -6.67
C ARG A 107 -3.94 -7.13 -6.09
N MET A 108 -4.32 -6.05 -5.51
CA MET A 108 -5.64 -5.91 -4.89
C MET A 108 -6.75 -6.04 -5.87
N GLN A 109 -6.56 -5.53 -7.06
CA GLN A 109 -7.67 -5.68 -8.04
C GLN A 109 -7.95 -7.19 -8.30
N LEU A 110 -6.88 -7.96 -8.50
CA LEU A 110 -6.98 -9.34 -8.75
C LEU A 110 -7.54 -10.07 -7.54
N ALA A 111 -7.09 -9.79 -6.40
CA ALA A 111 -7.68 -10.37 -5.25
C ALA A 111 -9.19 -10.02 -5.07
N LYS A 112 -9.57 -8.79 -5.30
CA LYS A 112 -10.97 -8.40 -5.18
C LYS A 112 -11.80 -9.21 -6.10
N LEU A 113 -11.31 -9.40 -7.26
CA LEU A 113 -12.05 -10.22 -8.24
C LEU A 113 -12.17 -11.65 -7.71
N CYS A 114 -11.04 -12.18 -7.29
CA CYS A 114 -10.94 -13.57 -6.89
C CYS A 114 -11.61 -14.09 -5.65
N TYR A 115 -11.95 -13.16 -4.83
CA TYR A 115 -12.70 -13.38 -3.64
C TYR A 115 -14.26 -12.94 -3.75
N ASP A 116 -14.61 -12.39 -4.88
CA ASP A 116 -16.00 -11.94 -5.04
C ASP A 116 -16.89 -13.13 -5.42
N PRO A 117 -18.03 -13.18 -4.64
CA PRO A 117 -19.01 -14.25 -5.03
C PRO A 117 -19.44 -14.12 -6.44
N ASP A 118 -19.34 -12.96 -7.01
CA ASP A 118 -19.71 -12.77 -8.45
C ASP A 118 -18.62 -12.97 -9.47
N PHE A 119 -17.68 -13.74 -9.09
CA PHE A 119 -16.45 -13.92 -9.92
C PHE A 119 -16.66 -14.20 -11.42
N GLU A 120 -17.60 -15.08 -11.65
CA GLU A 120 -17.83 -15.49 -12.97
C GLU A 120 -18.27 -14.39 -13.80
N LYS A 121 -19.11 -13.57 -13.22
CA LYS A 121 -19.66 -12.51 -13.97
C LYS A 121 -18.67 -11.42 -14.18
N LEU A 122 -17.88 -11.27 -13.15
CA LEU A 122 -16.89 -10.24 -13.18
C LEU A 122 -15.58 -10.48 -13.97
N LYS A 123 -15.29 -11.72 -14.21
CA LYS A 123 -14.07 -12.06 -14.89
C LYS A 123 -13.81 -11.45 -16.24
N PRO A 124 -14.88 -11.52 -17.15
CA PRO A 124 -14.65 -10.97 -18.44
C PRO A 124 -14.27 -9.51 -18.42
N GLU A 125 -14.80 -8.78 -17.51
CA GLU A 125 -14.54 -7.43 -17.38
C GLU A 125 -13.03 -7.18 -16.96
N TYR A 126 -12.64 -8.00 -16.03
CA TYR A 126 -11.24 -7.91 -15.54
C TYR A 126 -10.36 -8.17 -16.73
N LEU A 127 -10.65 -9.21 -17.50
CA LEU A 127 -9.88 -9.59 -18.66
C LEU A 127 -9.88 -8.50 -19.70
N GLN A 128 -10.91 -7.68 -19.64
CA GLN A 128 -10.92 -6.61 -20.62
C GLN A 128 -10.20 -5.44 -20.22
N ALA A 129 -10.13 -5.21 -18.98
CA ALA A 129 -9.37 -4.13 -18.40
C ALA A 129 -7.85 -4.44 -18.28
N LEU A 130 -7.54 -5.69 -18.15
CA LEU A 130 -6.16 -6.10 -17.92
C LEU A 130 -5.10 -5.59 -18.92
N PRO A 131 -5.33 -5.75 -20.28
CA PRO A 131 -4.25 -5.24 -21.15
C PRO A 131 -3.92 -3.77 -20.92
N GLU A 132 -4.87 -2.96 -20.49
CA GLU A 132 -4.57 -1.61 -20.29
C GLU A 132 -3.60 -1.42 -19.10
N MET A 133 -3.77 -2.15 -18.03
CA MET A 133 -2.83 -1.97 -16.96
C MET A 133 -1.56 -2.64 -17.39
N LEU A 134 -1.62 -3.80 -17.97
CA LEU A 134 -0.40 -4.47 -18.38
C LEU A 134 0.48 -3.59 -19.35
N LYS A 135 -0.21 -2.83 -20.23
CA LYS A 135 0.50 -1.97 -21.13
C LYS A 135 1.28 -0.95 -20.50
N LEU A 136 0.74 -0.41 -19.40
CA LEU A 136 1.43 0.62 -18.69
C LEU A 136 2.73 0.09 -18.07
N TYR A 137 2.64 -1.13 -17.58
CA TYR A 137 3.88 -1.78 -16.99
C TYR A 137 4.96 -2.02 -18.16
N SER A 138 4.47 -2.48 -19.28
CA SER A 138 5.30 -2.71 -20.44
C SER A 138 6.02 -1.38 -20.89
N GLN A 139 5.21 -0.33 -20.95
CA GLN A 139 5.73 0.97 -21.32
C GLN A 139 6.78 1.47 -20.37
N PHE A 140 6.53 1.26 -19.12
CA PHE A 140 7.42 1.68 -18.10
C PHE A 140 8.77 0.94 -18.13
N LEU A 141 8.71 -0.31 -18.30
CA LEU A 141 9.86 -1.17 -18.36
C LEU A 141 10.72 -0.84 -19.60
N GLY A 142 10.03 -0.66 -20.68
CA GLY A 142 10.68 -0.36 -21.92
C GLY A 142 11.71 -1.44 -22.29
N LYS A 143 12.89 -0.96 -22.62
CA LYS A 143 13.99 -1.85 -23.03
C LYS A 143 14.98 -2.23 -21.85
N GLN A 144 14.67 -1.80 -20.63
CA GLN A 144 15.43 -2.08 -19.47
C GLN A 144 15.22 -3.52 -19.04
N PRO A 145 16.26 -4.10 -18.47
CA PRO A 145 16.11 -5.45 -18.05
C PRO A 145 15.32 -5.64 -16.77
N TRP A 146 15.43 -4.67 -15.94
CA TRP A 146 14.73 -4.61 -14.65
C TRP A 146 14.00 -3.26 -14.50
N PHE A 147 13.01 -3.25 -13.63
CA PHE A 147 12.16 -2.10 -13.48
C PHE A 147 12.82 -0.78 -13.09
N LEU A 148 13.86 -0.83 -12.35
CA LEU A 148 14.57 0.35 -12.06
C LEU A 148 15.79 0.64 -13.06
N GLY A 149 16.00 -0.19 -13.99
CA GLY A 149 17.13 -0.04 -14.93
C GLY A 149 17.96 -1.31 -15.07
N ASP A 150 19.30 -1.13 -14.95
CA ASP A 150 20.14 -2.25 -15.15
C ASP A 150 20.39 -3.12 -13.96
N LYS A 151 19.94 -2.69 -12.78
CA LYS A 151 20.10 -3.47 -11.60
C LYS A 151 18.73 -3.99 -11.01
N ILE A 152 18.73 -5.22 -10.67
CA ILE A 152 17.65 -5.85 -10.04
C ILE A 152 17.49 -5.25 -8.63
N THR A 153 16.24 -5.02 -8.26
CA THR A 153 15.88 -4.44 -6.99
C THR A 153 14.53 -5.13 -6.45
N PHE A 154 14.14 -4.78 -5.26
CA PHE A 154 12.98 -5.44 -4.63
C PHE A 154 11.71 -5.34 -5.44
N VAL A 155 11.57 -4.22 -6.08
CA VAL A 155 10.34 -4.08 -6.84
C VAL A 155 10.19 -5.13 -7.95
N ASP A 156 11.29 -5.66 -8.42
CA ASP A 156 11.25 -6.71 -9.49
C ASP A 156 10.63 -8.01 -8.95
N PHE A 157 10.74 -8.19 -7.65
CA PHE A 157 10.22 -9.34 -6.97
C PHE A 157 8.63 -9.24 -6.82
N ILE A 158 8.21 -8.05 -6.53
CA ILE A 158 6.85 -7.69 -6.49
C ILE A 158 6.22 -7.81 -7.97
N ALA A 159 6.91 -7.20 -8.91
CA ALA A 159 6.52 -7.24 -10.29
C ALA A 159 6.35 -8.66 -10.87
N TYR A 160 7.34 -9.44 -10.55
CA TYR A 160 7.29 -10.83 -10.93
C TYR A 160 6.03 -11.54 -10.44
N ASP A 161 5.78 -11.38 -9.18
CA ASP A 161 4.64 -12.07 -8.52
C ASP A 161 3.36 -11.62 -9.16
N VAL A 162 3.22 -10.31 -9.29
CA VAL A 162 1.97 -9.79 -9.80
C VAL A 162 1.72 -10.18 -11.27
N LEU A 163 2.76 -9.98 -12.05
CA LEU A 163 2.63 -10.27 -13.46
C LEU A 163 2.44 -11.79 -13.69
N GLU A 164 3.27 -12.57 -13.03
CA GLU A 164 3.20 -13.97 -13.19
C GLU A 164 1.81 -14.59 -12.74
N ARG A 165 1.29 -14.09 -11.62
CA ARG A 165 0.02 -14.59 -11.20
C ARG A 165 -1.12 -14.22 -12.20
N ASN A 166 -0.91 -13.13 -12.88
CA ASN A 166 -1.88 -12.75 -13.96
C ASN A 166 -1.76 -13.77 -15.09
N GLN A 167 -0.53 -14.18 -15.34
CA GLN A 167 -0.27 -15.22 -16.37
C GLN A 167 -0.88 -16.55 -15.95
N VAL A 168 -0.86 -16.87 -14.67
CA VAL A 168 -1.53 -18.04 -14.18
C VAL A 168 -3.07 -17.89 -14.37
N PHE A 169 -3.64 -16.75 -14.12
CA PHE A 169 -5.06 -16.50 -14.27
C PHE A 169 -5.46 -16.61 -15.72
N GLU A 170 -4.66 -16.05 -16.56
CA GLU A 170 -4.88 -16.01 -17.99
C GLU A 170 -3.60 -16.05 -18.76
N PRO A 171 -3.17 -17.28 -19.11
CA PRO A 171 -1.87 -17.51 -19.72
C PRO A 171 -1.45 -16.66 -20.90
N SER A 172 -2.42 -16.11 -21.57
CA SER A 172 -2.10 -15.27 -22.68
C SER A 172 -2.01 -13.82 -22.46
N CYS A 173 -2.16 -13.43 -21.20
CA CYS A 173 -2.25 -12.04 -20.93
C CYS A 173 -1.04 -11.24 -21.28
N LEU A 174 0.10 -11.86 -21.22
CA LEU A 174 1.32 -11.15 -21.54
C LEU A 174 1.75 -11.15 -23.01
N ASP A 175 0.99 -11.76 -23.88
CA ASP A 175 1.37 -11.99 -25.31
C ASP A 175 1.66 -10.79 -26.01
N ALA A 176 0.97 -9.70 -25.79
CA ALA A 176 1.24 -8.52 -26.55
C ALA A 176 2.45 -7.79 -26.13
N PHE A 177 3.03 -8.25 -25.05
CA PHE A 177 4.15 -7.60 -24.43
C PHE A 177 5.49 -8.36 -24.28
N PRO A 178 6.22 -8.43 -25.42
CA PRO A 178 7.50 -9.09 -25.40
C PRO A 178 8.35 -8.78 -24.19
N ASN A 179 8.44 -7.52 -23.84
CA ASN A 179 9.31 -7.17 -22.76
C ASN A 179 8.91 -7.77 -21.39
N LEU A 180 7.62 -7.83 -21.19
CA LEU A 180 7.10 -8.40 -19.96
C LEU A 180 7.40 -9.95 -19.92
N LYS A 181 7.19 -10.57 -21.03
CA LYS A 181 7.39 -12.01 -21.19
C LYS A 181 8.89 -12.24 -20.95
N ASP A 182 9.72 -11.39 -21.52
CA ASP A 182 11.12 -11.57 -21.35
C ASP A 182 11.56 -11.35 -19.85
N PHE A 183 10.89 -10.44 -19.23
CA PHE A 183 11.13 -10.15 -17.81
C PHE A 183 10.84 -11.37 -16.96
N ILE A 184 9.67 -11.94 -17.17
CA ILE A 184 9.33 -13.16 -16.54
C ILE A 184 10.49 -14.26 -16.66
N SER A 185 10.90 -14.50 -17.88
CA SER A 185 11.93 -15.50 -18.27
C SER A 185 13.22 -15.21 -17.58
N ARG A 186 13.56 -13.95 -17.64
CA ARG A 186 14.76 -13.56 -17.00
C ARG A 186 14.77 -13.77 -15.46
N PHE A 187 13.69 -13.33 -14.86
CA PHE A 187 13.54 -13.53 -13.42
C PHE A 187 13.64 -15.07 -13.03
N GLU A 188 12.94 -15.87 -13.79
CA GLU A 188 12.82 -17.29 -13.62
C GLU A 188 14.17 -18.00 -13.82
N GLY A 189 14.92 -17.35 -14.64
CA GLY A 189 16.18 -17.89 -15.00
C GLY A 189 17.34 -17.52 -14.05
N LEU A 190 17.12 -16.67 -13.10
CA LEU A 190 18.11 -16.32 -12.14
C LEU A 190 18.46 -17.61 -11.40
N GLU A 191 19.73 -17.83 -11.21
CA GLU A 191 20.25 -19.07 -10.67
C GLU A 191 19.54 -19.59 -9.44
N LYS A 192 19.51 -18.76 -8.45
CA LYS A 192 18.82 -19.10 -7.23
C LYS A 192 17.31 -19.18 -7.36
N ILE A 193 16.74 -18.43 -8.29
CA ILE A 193 15.29 -18.56 -8.54
C ILE A 193 14.95 -19.90 -9.26
N SER A 194 15.67 -20.21 -10.30
CA SER A 194 15.49 -21.38 -11.07
C SER A 194 15.56 -22.63 -10.15
N ALA A 195 16.54 -22.61 -9.32
CA ALA A 195 16.76 -23.71 -8.44
C ALA A 195 15.63 -23.85 -7.44
N TYR A 196 15.21 -22.73 -6.91
CA TYR A 196 14.12 -22.77 -5.99
C TYR A 196 12.88 -23.25 -6.61
N MET A 197 12.64 -22.84 -7.82
CA MET A 197 11.46 -23.27 -8.52
C MET A 197 11.46 -24.77 -8.80
N LYS A 198 12.60 -25.39 -8.77
CA LYS A 198 12.63 -26.83 -8.97
C LYS A 198 12.58 -27.63 -7.70
N SER A 199 12.59 -26.97 -6.59
CA SER A 199 12.57 -27.61 -5.35
C SER A 199 11.15 -27.94 -4.86
N SER A 200 11.12 -28.84 -3.92
CA SER A 200 9.89 -29.25 -3.35
C SER A 200 9.42 -28.20 -2.37
N ARG A 201 10.18 -27.14 -2.09
CA ARG A 201 9.73 -26.11 -1.19
C ARG A 201 8.98 -24.95 -1.94
N PHE A 202 9.03 -24.93 -3.25
CA PHE A 202 8.47 -23.91 -4.02
C PHE A 202 6.97 -24.07 -3.82
N LEU A 203 6.28 -22.94 -3.67
CA LEU A 203 4.82 -22.85 -3.35
C LEU A 203 4.01 -21.80 -4.21
N PRO A 204 3.82 -22.10 -5.48
CA PRO A 204 3.18 -21.22 -6.45
C PRO A 204 1.68 -21.21 -6.45
N ARG A 205 1.21 -22.23 -5.84
CA ARG A 205 -0.18 -22.44 -5.57
C ARG A 205 -0.41 -23.01 -4.23
N PRO A 206 -1.58 -22.91 -3.51
CA PRO A 206 -2.64 -22.06 -4.12
C PRO A 206 -2.29 -20.64 -4.07
N VAL A 207 -2.80 -19.87 -5.01
CA VAL A 207 -2.56 -18.48 -5.11
C VAL A 207 -3.04 -17.66 -3.86
N PHE A 208 -4.30 -17.97 -3.45
CA PHE A 208 -4.98 -17.24 -2.42
C PHE A 208 -5.41 -18.15 -1.29
N THR A 209 -6.09 -17.57 -0.30
CA THR A 209 -6.57 -18.31 0.79
C THR A 209 -7.75 -19.17 0.44
N LYS A 210 -8.07 -20.02 1.34
CA LYS A 210 -9.18 -20.91 1.24
C LYS A 210 -10.54 -20.24 1.00
N MET A 211 -10.70 -19.03 1.48
CA MET A 211 -11.88 -18.23 1.25
C MET A 211 -12.11 -17.68 -0.18
N ALA A 212 -11.13 -17.79 -1.00
CA ALA A 212 -11.24 -17.33 -2.39
C ALA A 212 -12.10 -18.19 -3.21
N VAL A 213 -12.71 -17.54 -4.17
CA VAL A 213 -13.51 -18.14 -5.12
C VAL A 213 -12.69 -18.85 -6.24
N TRP A 214 -11.65 -18.20 -6.65
CA TRP A 214 -10.76 -18.70 -7.57
C TRP A 214 -9.34 -18.61 -6.92
N GLY A 215 -8.57 -19.58 -7.19
CA GLY A 215 -7.30 -19.77 -6.63
C GLY A 215 -7.23 -20.25 -5.20
N ASN A 216 -8.30 -20.89 -4.78
CA ASN A 216 -8.36 -21.39 -3.40
C ASN A 216 -7.58 -22.62 -3.14
N LYS A 217 -7.21 -23.31 -4.22
CA LYS A 217 -6.40 -24.46 -4.22
C LYS A 217 -5.35 -24.41 -5.22
N MET B 2 5.23 23.64 -9.21
CA MET B 2 4.74 22.35 -8.59
C MET B 2 3.23 22.28 -8.62
N THR B 3 2.65 21.21 -9.14
CA THR B 3 1.26 21.09 -9.18
C THR B 3 0.69 19.77 -8.59
N LEU B 4 -0.29 19.95 -7.75
CA LEU B 4 -0.99 18.85 -7.12
C LEU B 4 -2.35 18.63 -7.70
N GLY B 5 -2.58 17.47 -8.23
CA GLY B 5 -3.85 17.16 -8.82
C GLY B 5 -4.62 16.13 -8.03
N TYR B 6 -5.88 16.41 -7.82
CA TYR B 6 -6.75 15.59 -7.10
C TYR B 6 -8.24 16.03 -7.22
N TRP B 7 -9.09 15.18 -6.80
CA TRP B 7 -10.44 15.45 -6.67
C TRP B 7 -10.60 16.58 -5.59
N ASN B 8 -11.73 17.27 -5.70
CA ASN B 8 -12.07 18.33 -4.78
C ASN B 8 -12.60 17.87 -3.48
N ILE B 9 -11.83 17.03 -2.82
CA ILE B 9 -12.26 16.44 -1.55
C ILE B 9 -11.02 16.21 -0.73
N ARG B 10 -11.21 15.76 0.48
CA ARG B 10 -10.08 15.43 1.31
C ARG B 10 -9.29 14.18 0.79
N GLY B 11 -9.90 13.04 0.96
CA GLY B 11 -9.41 11.80 0.48
C GLY B 11 -7.90 11.59 0.67
N LEU B 12 -7.27 11.08 -0.36
CA LEU B 12 -5.89 10.70 -0.36
C LEU B 12 -4.92 11.86 -0.48
N ALA B 13 -5.46 13.05 -0.59
CA ALA B 13 -4.58 14.20 -0.70
C ALA B 13 -4.35 15.00 0.51
N HIS B 14 -5.06 14.69 1.57
CA HIS B 14 -5.04 15.47 2.82
C HIS B 14 -3.63 15.60 3.37
N SER B 15 -3.03 14.42 3.47
CA SER B 15 -1.72 14.25 3.99
C SER B 15 -0.68 14.96 3.15
N ILE B 16 -0.88 14.91 1.87
CA ILE B 16 0.03 15.58 0.89
C ILE B 16 -0.06 17.15 1.00
N ARG B 17 -1.29 17.64 1.03
CA ARG B 17 -1.58 19.07 1.23
C ARG B 17 -0.95 19.55 2.53
N LEU B 18 -1.14 18.85 3.59
CA LEU B 18 -0.60 19.22 4.87
C LEU B 18 0.90 19.23 4.84
N LEU B 19 1.47 18.30 4.12
CA LEU B 19 2.92 18.18 4.04
C LEU B 19 3.53 19.31 3.22
N LEU B 20 2.96 19.63 2.15
CA LEU B 20 3.40 20.71 1.27
C LEU B 20 3.34 22.01 2.07
N GLU B 21 2.27 22.19 2.85
CA GLU B 21 2.16 23.32 3.74
C GLU B 21 3.25 23.41 4.83
N TYR B 22 3.39 22.36 5.59
CA TYR B 22 4.42 22.28 6.56
C TYR B 22 5.82 22.56 5.95
N THR B 23 6.08 22.05 4.75
CA THR B 23 7.34 22.22 4.13
C THR B 23 7.61 23.61 3.34
N ASP B 24 6.62 24.43 3.43
CA ASP B 24 6.54 25.73 2.78
C ASP B 24 6.84 25.61 1.36
N SER B 25 6.25 24.61 0.81
CA SER B 25 6.42 24.31 -0.54
C SER B 25 5.61 25.26 -1.37
N SER B 26 6.10 25.55 -2.54
CA SER B 26 5.36 26.33 -3.51
C SER B 26 4.60 25.55 -4.49
N TYR B 27 3.32 25.66 -4.46
CA TYR B 27 2.55 24.80 -5.31
C TYR B 27 1.20 25.35 -5.58
N GLU B 28 0.64 24.82 -6.60
CA GLU B 28 -0.59 25.03 -7.08
C GLU B 28 -1.47 23.69 -7.12
N GLU B 29 -2.75 23.74 -6.92
CA GLU B 29 -3.65 22.58 -7.04
C GLU B 29 -4.52 22.58 -8.23
N LYS B 30 -4.71 21.47 -8.90
CA LYS B 30 -5.64 21.30 -9.91
C LYS B 30 -6.65 20.42 -9.29
N LYS B 31 -7.88 20.87 -9.11
CA LYS B 31 -8.86 20.12 -8.42
C LYS B 31 -10.03 19.75 -9.21
N TYR B 32 -10.17 18.53 -9.63
CA TYR B 32 -11.21 18.08 -10.41
C TYR B 32 -12.51 17.83 -9.70
N THR B 33 -13.61 18.05 -10.39
CA THR B 33 -14.90 17.90 -9.88
C THR B 33 -15.53 16.63 -10.32
N MET B 34 -16.08 15.82 -9.38
CA MET B 34 -16.77 14.65 -9.78
C MET B 34 -18.29 14.97 -9.76
N GLY B 35 -19.08 14.36 -10.59
CA GLY B 35 -20.48 14.61 -10.61
C GLY B 35 -21.27 13.79 -9.66
N ASP B 36 -22.58 13.82 -9.75
CA ASP B 36 -23.31 12.99 -8.86
C ASP B 36 -23.99 11.80 -9.46
N ALA B 37 -24.72 11.10 -8.67
CA ALA B 37 -25.40 9.94 -8.99
C ALA B 37 -26.48 10.38 -9.95
N PRO B 38 -26.77 9.66 -11.06
CA PRO B 38 -26.11 8.40 -11.19
C PRO B 38 -24.96 8.34 -12.11
N ASP B 39 -24.66 9.44 -12.81
CA ASP B 39 -23.58 9.37 -13.71
C ASP B 39 -22.16 9.65 -13.19
N TYR B 40 -22.00 10.26 -12.04
CA TYR B 40 -20.72 10.57 -11.53
C TYR B 40 -19.77 11.06 -12.57
N ASP B 41 -20.18 12.03 -13.32
CA ASP B 41 -19.37 12.62 -14.38
C ASP B 41 -17.93 12.97 -13.95
N ARG B 42 -16.93 12.48 -14.73
CA ARG B 42 -15.49 12.73 -14.48
C ARG B 42 -14.71 13.34 -15.72
N SER B 43 -15.43 14.17 -16.46
CA SER B 43 -15.05 14.79 -17.74
C SER B 43 -13.80 15.58 -17.82
N GLN B 44 -13.69 16.50 -16.92
CA GLN B 44 -12.58 17.29 -16.77
C GLN B 44 -11.33 16.32 -16.48
N TRP B 45 -11.44 15.40 -15.59
CA TRP B 45 -10.32 14.49 -15.29
C TRP B 45 -10.00 13.59 -16.52
N LEU B 46 -11.02 12.88 -16.98
CA LEU B 46 -10.85 12.06 -18.17
C LEU B 46 -10.26 12.76 -19.47
N ASN B 47 -10.57 13.98 -19.72
CA ASN B 47 -10.06 14.74 -20.84
C ASN B 47 -8.58 15.15 -20.72
N GLU B 48 -8.03 14.97 -19.56
CA GLU B 48 -6.71 15.25 -19.30
C GLU B 48 -5.87 14.12 -18.67
N LYS B 49 -6.50 13.06 -18.26
CA LYS B 49 -5.80 11.95 -17.59
C LYS B 49 -4.54 11.42 -18.33
N PHE B 50 -4.70 11.27 -19.65
CA PHE B 50 -3.66 10.83 -20.53
C PHE B 50 -2.79 11.84 -21.22
N LYS B 51 -2.89 13.10 -20.83
CA LYS B 51 -2.16 14.24 -21.31
C LYS B 51 -1.21 14.91 -20.47
N LEU B 52 -0.88 14.34 -19.30
CA LEU B 52 0.02 14.81 -18.32
C LEU B 52 1.44 14.27 -18.22
N GLY B 53 1.74 13.25 -19.00
CA GLY B 53 3.02 12.68 -19.01
C GLY B 53 3.21 11.69 -17.92
N LEU B 54 2.13 11.37 -17.24
CA LEU B 54 2.20 10.43 -16.16
C LEU B 54 2.38 9.00 -16.68
N ASP B 55 3.24 8.31 -15.97
CA ASP B 55 3.48 6.91 -16.32
C ASP B 55 2.23 6.00 -16.05
N PHE B 56 1.58 6.19 -14.89
CA PHE B 56 0.44 5.54 -14.48
C PHE B 56 -0.64 6.54 -13.98
N PRO B 57 -1.35 7.06 -15.00
CA PRO B 57 -2.30 8.12 -14.70
C PRO B 57 -3.25 7.82 -13.55
N ASN B 58 -3.33 8.76 -12.65
CA ASN B 58 -4.11 8.59 -11.46
C ASN B 58 -4.21 9.88 -10.68
N LEU B 59 -5.07 9.85 -9.68
CA LEU B 59 -5.30 10.91 -8.78
C LEU B 59 -5.07 10.29 -7.39
N PRO B 60 -4.19 10.89 -6.50
CA PRO B 60 -3.50 12.12 -6.82
C PRO B 60 -2.23 12.05 -7.66
N TYR B 61 -1.85 13.21 -8.21
CA TYR B 61 -0.61 13.35 -8.94
C TYR B 61 0.13 14.58 -8.51
N LEU B 62 1.45 14.56 -8.65
CA LEU B 62 2.32 15.63 -8.37
C LEU B 62 3.29 15.84 -9.58
N ILE B 63 3.31 17.06 -10.08
CA ILE B 63 4.21 17.45 -11.17
C ILE B 63 5.22 18.40 -10.55
N ASP B 64 6.49 18.10 -10.51
CA ASP B 64 7.51 18.95 -9.92
C ASP B 64 8.69 19.00 -10.83
N GLY B 65 8.66 20.04 -11.67
CA GLY B 65 9.72 20.18 -12.63
C GLY B 65 9.63 19.04 -13.54
N THR B 66 10.63 18.27 -13.65
CA THR B 66 10.73 17.15 -14.52
C THR B 66 10.12 15.93 -13.98
N HIS B 67 9.86 15.88 -12.69
CA HIS B 67 9.28 14.67 -12.08
C HIS B 67 7.76 14.69 -12.10
N LYS B 68 7.19 13.59 -12.47
CA LYS B 68 5.82 13.43 -12.51
C LYS B 68 5.53 12.19 -11.66
N ILE B 69 4.77 12.37 -10.60
CA ILE B 69 4.52 11.23 -9.67
C ILE B 69 3.10 10.94 -9.42
N THR B 70 2.80 9.69 -9.31
CA THR B 70 1.50 9.24 -8.93
C THR B 70 1.77 8.30 -7.67
N GLN B 71 0.67 7.92 -7.01
CA GLN B 71 0.66 7.07 -5.83
C GLN B 71 0.92 7.98 -4.59
N SER B 72 -0.09 8.10 -3.79
CA SER B 72 -0.03 8.96 -2.65
C SER B 72 1.20 8.81 -1.78
N ASN B 73 1.52 7.57 -1.51
CA ASN B 73 2.67 7.31 -0.65
C ASN B 73 3.99 7.76 -1.37
N ALA B 74 4.02 7.57 -2.67
CA ALA B 74 5.22 7.94 -3.42
C ALA B 74 5.44 9.45 -3.45
N ILE B 75 4.34 10.08 -3.55
CA ILE B 75 4.28 11.55 -3.51
C ILE B 75 4.77 12.08 -2.10
N LEU B 76 4.25 11.51 -1.05
CA LEU B 76 4.63 11.87 0.27
C LEU B 76 6.09 11.63 0.47
N ARG B 77 6.56 10.51 -0.02
CA ARG B 77 8.00 10.14 0.14
C ARG B 77 8.92 11.10 -0.67
N TYR B 78 8.45 11.49 -1.80
CA TYR B 78 9.24 12.40 -2.65
C TYR B 78 9.47 13.73 -1.88
N ILE B 79 8.38 14.32 -1.44
CA ILE B 79 8.40 15.55 -0.64
C ILE B 79 9.20 15.41 0.61
N ALA B 80 8.99 14.32 1.30
CA ALA B 80 9.70 14.00 2.46
C ALA B 80 11.21 13.91 2.28
N ARG B 81 11.65 13.24 1.26
CA ARG B 81 13.10 13.09 1.06
C ARG B 81 13.72 14.51 0.82
N LYS B 82 12.99 15.34 0.20
CA LYS B 82 13.47 16.71 -0.14
C LYS B 82 13.68 17.59 0.94
N HIS B 83 12.92 17.39 1.99
CA HIS B 83 12.90 18.15 3.23
C HIS B 83 13.37 17.45 4.45
N ASN B 84 14.13 16.38 4.30
CA ASN B 84 14.60 15.62 5.44
C ASN B 84 13.53 15.22 6.58
N LEU B 85 12.40 14.71 6.06
CA LEU B 85 11.34 14.29 6.88
C LEU B 85 11.13 12.76 6.83
N CYS B 86 12.22 12.02 6.98
CA CYS B 86 12.27 10.60 6.90
C CYS B 86 12.99 9.92 7.98
N GLY B 87 12.69 8.69 8.20
CA GLY B 87 13.39 7.93 9.19
C GLY B 87 14.82 7.81 8.67
N GLU B 88 15.74 7.73 9.60
CA GLU B 88 17.15 7.65 9.26
C GLU B 88 17.83 6.45 9.68
N SER B 89 17.65 6.01 10.88
CA SER B 89 18.27 4.84 11.36
C SER B 89 17.60 3.68 10.78
N GLU B 90 18.21 2.52 10.74
CA GLU B 90 17.55 1.33 10.28
C GLU B 90 16.26 1.08 11.01
N LYS B 91 16.30 1.16 12.30
CA LYS B 91 15.12 1.03 13.08
C LYS B 91 14.03 1.99 12.79
N GLU B 92 14.32 3.22 12.53
CA GLU B 92 13.36 4.19 12.20
C GLU B 92 12.73 3.87 10.79
N GLN B 93 13.58 3.43 9.88
CA GLN B 93 13.13 3.06 8.54
C GLN B 93 12.16 1.87 8.59
N ILE B 94 12.44 0.90 9.39
CA ILE B 94 11.57 -0.20 9.54
C ILE B 94 10.21 0.27 10.09
N ARG B 95 10.21 1.11 11.12
CA ARG B 95 9.03 1.58 11.67
C ARG B 95 8.19 2.42 10.72
N GLU B 96 8.88 3.19 9.94
CA GLU B 96 8.36 4.02 8.90
C GLU B 96 7.59 3.18 7.88
N ASP B 97 8.24 2.12 7.43
CA ASP B 97 7.70 1.24 6.44
C ASP B 97 6.44 0.50 7.00
N ILE B 98 6.57 0.06 8.24
CA ILE B 98 5.50 -0.65 8.85
C ILE B 98 4.29 0.30 8.93
N LEU B 99 4.52 1.46 9.45
CA LEU B 99 3.39 2.37 9.71
C LEU B 99 2.69 2.93 8.47
N GLU B 100 3.52 3.14 7.50
CA GLU B 100 3.04 3.62 6.20
C GLU B 100 1.97 2.58 5.66
N ASN B 101 2.38 1.35 5.71
CA ASN B 101 1.53 0.26 5.24
C ASN B 101 0.32 0.00 6.22
N GLN B 102 0.57 0.04 7.51
CA GLN B 102 -0.43 -0.20 8.47
C GLN B 102 -1.54 0.84 8.35
N PHE B 103 -1.14 2.12 8.27
CA PHE B 103 -2.07 3.15 8.14
C PHE B 103 -2.86 3.10 6.81
N MET B 104 -2.32 2.56 5.75
CA MET B 104 -2.97 2.39 4.48
C MET B 104 -4.08 1.32 4.69
N ASP B 105 -3.75 0.27 5.42
CA ASP B 105 -4.77 -0.75 5.70
C ASP B 105 -5.95 -0.09 6.45
N SER B 106 -5.61 0.73 7.41
CA SER B 106 -6.60 1.42 8.23
C SER B 106 -7.51 2.35 7.35
N ARG B 107 -6.82 3.06 6.47
CA ARG B 107 -7.50 3.98 5.59
C ARG B 107 -8.54 3.24 4.80
N MET B 108 -8.06 2.16 4.25
CA MET B 108 -8.88 1.31 3.39
C MET B 108 -9.97 0.61 4.08
N GLN B 109 -9.84 0.25 5.30
CA GLN B 109 -10.94 -0.37 5.99
C GLN B 109 -12.08 0.67 6.13
N LEU B 110 -11.72 1.88 6.47
CA LEU B 110 -12.71 2.89 6.60
C LEU B 110 -13.32 3.23 5.22
N ALA B 111 -12.52 3.33 4.24
CA ALA B 111 -13.04 3.59 2.90
C ALA B 111 -13.96 2.47 2.44
N LYS B 112 -13.57 1.22 2.67
CA LYS B 112 -14.40 0.10 2.23
C LYS B 112 -15.77 0.14 2.90
N LEU B 113 -15.78 0.47 4.20
CA LEU B 113 -17.05 0.63 4.91
C LEU B 113 -17.88 1.74 4.28
N CYS B 114 -17.29 2.91 4.08
CA CYS B 114 -18.05 4.10 3.72
C CYS B 114 -18.48 4.14 2.26
N TYR B 115 -18.02 3.24 1.45
CA TYR B 115 -18.47 3.16 0.15
C TYR B 115 -19.40 1.86 0.04
N ASP B 116 -19.56 1.08 1.06
CA ASP B 116 -20.37 -0.15 0.96
C ASP B 116 -21.89 0.21 1.02
N PRO B 117 -22.67 -0.32 -0.03
CA PRO B 117 -24.14 -0.08 0.04
C PRO B 117 -24.75 -0.38 1.34
N ASP B 118 -24.20 -1.37 1.96
CA ASP B 118 -24.52 -1.78 3.28
C ASP B 118 -23.94 -1.16 4.59
N PHE B 119 -23.47 0.05 4.41
CA PHE B 119 -22.91 0.86 5.46
C PHE B 119 -23.48 0.72 6.84
N GLU B 120 -24.76 0.98 7.03
CA GLU B 120 -25.43 0.82 8.28
C GLU B 120 -25.42 -0.53 8.95
N LYS B 121 -25.52 -1.59 8.23
CA LYS B 121 -25.39 -2.93 8.73
C LYS B 121 -23.99 -3.13 9.01
N LEU B 122 -23.09 -2.47 8.34
CA LEU B 122 -21.62 -2.71 8.62
C LEU B 122 -20.88 -1.87 9.72
N LYS B 123 -21.43 -0.71 9.96
CA LYS B 123 -20.87 0.20 10.89
C LYS B 123 -20.55 -0.25 12.23
N PRO B 124 -21.55 -0.97 12.90
CA PRO B 124 -21.25 -1.32 14.27
C PRO B 124 -20.07 -2.25 14.32
N GLU B 125 -19.84 -3.07 13.33
CA GLU B 125 -18.74 -3.95 13.30
C GLU B 125 -17.44 -3.19 13.27
N TYR B 126 -17.46 -2.18 12.46
CA TYR B 126 -16.26 -1.30 12.30
C TYR B 126 -15.94 -0.68 13.57
N LEU B 127 -16.95 -0.14 14.23
CA LEU B 127 -16.77 0.52 15.50
C LEU B 127 -16.40 -0.35 16.67
N GLN B 128 -16.81 -1.55 16.58
CA GLN B 128 -16.37 -2.50 17.56
C GLN B 128 -15.00 -2.98 17.39
N ALA B 129 -14.49 -3.06 16.22
CA ALA B 129 -13.20 -3.43 15.89
C ALA B 129 -12.20 -2.28 16.04
N LEU B 130 -12.66 -1.09 15.79
CA LEU B 130 -11.77 0.05 15.79
C LEU B 130 -10.85 0.25 17.02
N PRO B 131 -11.46 0.12 18.24
CA PRO B 131 -10.59 0.23 19.42
C PRO B 131 -9.39 -0.72 19.46
N GLU B 132 -9.47 -1.83 18.86
CA GLU B 132 -8.43 -2.74 18.90
C GLU B 132 -7.27 -2.12 18.07
N MET B 133 -7.57 -1.51 16.93
CA MET B 133 -6.49 -0.98 16.09
C MET B 133 -5.99 0.26 16.70
N LEU B 134 -6.89 1.09 17.16
CA LEU B 134 -6.42 2.33 17.83
C LEU B 134 -5.44 2.05 18.99
N LYS B 135 -5.74 0.95 19.69
CA LYS B 135 -4.96 0.57 20.74
C LYS B 135 -3.56 0.24 20.38
N LEU B 136 -3.38 -0.43 19.26
CA LEU B 136 -2.08 -0.75 18.79
C LEU B 136 -1.27 0.47 18.39
N TYR B 137 -1.98 1.43 17.80
CA TYR B 137 -1.36 2.71 17.45
C TYR B 137 -0.90 3.44 18.73
N SER B 138 -1.79 3.46 19.70
CA SER B 138 -1.52 4.09 20.97
C SER B 138 -0.31 3.50 21.69
N GLN B 139 -0.28 2.20 21.72
CA GLN B 139 0.82 1.56 22.34
C GLN B 139 2.12 1.70 21.58
N PHE B 140 2.04 1.77 20.27
CA PHE B 140 3.16 2.02 19.49
C PHE B 140 3.73 3.40 19.79
N LEU B 141 2.91 4.38 19.76
CA LEU B 141 3.32 5.78 19.97
C LEU B 141 3.88 5.97 21.40
N GLY B 142 3.30 5.35 22.36
CA GLY B 142 3.73 5.48 23.74
C GLY B 142 3.81 7.00 24.14
N LYS B 143 4.89 7.40 24.80
CA LYS B 143 5.11 8.77 25.21
C LYS B 143 5.93 9.65 24.26
N GLN B 144 6.16 9.14 23.02
CA GLN B 144 6.83 9.88 22.02
C GLN B 144 5.91 10.95 21.47
N PRO B 145 6.56 12.10 21.04
CA PRO B 145 5.72 13.12 20.43
C PRO B 145 5.24 12.76 18.97
N TRP B 146 6.09 12.05 18.33
CA TRP B 146 5.91 11.66 16.97
C TRP B 146 6.11 10.13 16.82
N PHE B 147 5.54 9.60 15.75
CA PHE B 147 5.58 8.17 15.48
C PHE B 147 6.96 7.44 15.36
N LEU B 148 7.90 8.17 14.86
CA LEU B 148 9.25 7.71 14.73
C LEU B 148 10.13 8.11 15.94
N GLY B 149 9.59 8.90 16.83
CA GLY B 149 10.37 9.31 17.98
C GLY B 149 10.26 10.80 18.21
N ASP B 150 11.42 11.45 18.31
CA ASP B 150 11.42 12.80 18.65
C ASP B 150 11.26 13.76 17.58
N LYS B 151 11.34 13.28 16.38
CA LYS B 151 11.30 14.03 15.27
C LYS B 151 10.07 13.75 14.33
N ILE B 152 9.45 14.77 13.85
CA ILE B 152 8.31 14.61 12.94
C ILE B 152 8.84 14.12 11.58
N THR B 153 8.08 13.23 10.99
CA THR B 153 8.40 12.65 9.72
C THR B 153 7.11 12.43 8.88
N PHE B 154 7.23 12.03 7.63
CA PHE B 154 6.05 11.92 6.76
C PHE B 154 4.94 11.06 7.29
N VAL B 155 5.31 9.98 7.96
CA VAL B 155 4.27 9.08 8.47
C VAL B 155 3.34 9.78 9.44
N ASP B 156 3.87 10.78 10.10
CA ASP B 156 2.97 11.50 11.11
C ASP B 156 1.82 12.23 10.40
N PHE B 157 2.08 12.57 9.16
CA PHE B 157 1.10 13.22 8.30
C PHE B 157 -0.07 12.25 7.86
N ILE B 158 0.37 11.05 7.56
CA ILE B 158 -0.47 9.92 7.27
C ILE B 158 -1.33 9.58 8.57
N ALA B 159 -0.64 9.48 9.64
CA ALA B 159 -1.25 9.19 10.94
C ALA B 159 -2.27 10.18 11.34
N TYR B 160 -1.95 11.41 11.14
CA TYR B 160 -2.88 12.46 11.50
C TYR B 160 -4.19 12.34 10.70
N ASP B 161 -4.00 12.15 9.43
CA ASP B 161 -5.15 12.07 8.52
C ASP B 161 -6.07 10.89 8.91
N VAL B 162 -5.44 9.77 9.12
CA VAL B 162 -6.22 8.56 9.38
C VAL B 162 -6.90 8.60 10.73
N LEU B 163 -6.19 9.09 11.69
CA LEU B 163 -6.70 9.15 13.05
C LEU B 163 -7.77 10.22 13.14
N GLU B 164 -7.48 11.37 12.62
CA GLU B 164 -8.42 12.47 12.68
C GLU B 164 -9.71 12.13 11.96
N ARG B 165 -9.63 11.53 10.79
CA ARG B 165 -10.83 11.20 10.14
C ARG B 165 -11.69 10.13 10.85
N ASN B 166 -11.07 9.27 11.61
CA ASN B 166 -11.81 8.33 12.46
C ASN B 166 -12.59 9.15 13.57
N GLN B 167 -11.91 10.17 14.05
CA GLN B 167 -12.52 11.08 15.05
C GLN B 167 -13.72 11.80 14.43
N VAL B 168 -13.61 12.21 13.17
CA VAL B 168 -14.69 12.80 12.51
C VAL B 168 -15.82 11.74 12.30
N PHE B 169 -15.45 10.48 12.02
CA PHE B 169 -16.43 9.45 11.84
C PHE B 169 -17.19 9.21 13.12
N GLU B 170 -16.49 9.12 14.21
CA GLU B 170 -17.05 8.78 15.51
C GLU B 170 -16.28 9.54 16.57
N PRO B 171 -16.92 10.75 16.90
CA PRO B 171 -16.14 11.65 17.78
C PRO B 171 -15.54 11.22 19.11
N SER B 172 -15.98 10.12 19.62
CA SER B 172 -15.48 9.60 20.83
C SER B 172 -14.44 8.51 20.72
N CYS B 173 -14.11 8.13 19.50
CA CYS B 173 -13.23 7.01 19.29
C CYS B 173 -11.89 6.99 19.92
N LEU B 174 -11.32 8.15 20.14
CA LEU B 174 -10.05 8.28 20.71
C LEU B 174 -10.06 8.53 22.24
N ASP B 175 -11.22 8.57 22.83
CA ASP B 175 -11.33 8.93 24.21
C ASP B 175 -10.59 8.06 25.10
N ALA B 176 -10.48 6.79 24.75
CA ALA B 176 -9.70 5.90 25.52
C ALA B 176 -8.17 5.93 25.36
N PHE B 177 -7.67 6.81 24.51
CA PHE B 177 -6.30 6.96 24.14
C PHE B 177 -5.75 8.34 24.13
N PRO B 178 -5.46 8.84 25.38
CA PRO B 178 -4.92 10.17 25.46
C PRO B 178 -3.79 10.54 24.66
N ASN B 179 -2.87 9.65 24.43
CA ASN B 179 -1.72 9.94 23.64
C ASN B 179 -2.06 10.19 22.19
N LEU B 180 -3.13 9.59 21.71
CA LEU B 180 -3.58 9.84 20.33
C LEU B 180 -4.29 11.20 20.21
N LYS B 181 -4.99 11.57 21.24
CA LYS B 181 -5.67 12.88 21.23
C LYS B 181 -4.62 13.94 21.32
N ASP B 182 -3.61 13.71 22.14
CA ASP B 182 -2.57 14.62 22.32
C ASP B 182 -1.75 14.77 21.03
N PHE B 183 -1.60 13.70 20.31
CA PHE B 183 -0.96 13.67 18.97
C PHE B 183 -1.67 14.57 17.93
N ILE B 184 -2.99 14.43 17.81
CA ILE B 184 -3.76 15.27 16.98
C ILE B 184 -3.58 16.80 17.28
N SER B 185 -3.55 17.10 18.56
CA SER B 185 -3.42 18.50 19.05
C SER B 185 -2.11 19.05 18.72
N ARG B 186 -1.13 18.23 18.94
CA ARG B 186 0.23 18.58 18.64
C ARG B 186 0.41 18.91 17.12
N PHE B 187 -0.11 18.01 16.29
CA PHE B 187 -0.11 18.22 14.85
C PHE B 187 -0.81 19.54 14.40
N GLU B 188 -1.95 19.73 14.97
CA GLU B 188 -2.76 20.87 14.65
C GLU B 188 -2.16 22.18 15.16
N GLY B 189 -1.41 22.02 16.21
CA GLY B 189 -0.73 23.15 16.75
C GLY B 189 0.56 23.62 16.05
N LEU B 190 1.12 22.86 15.16
CA LEU B 190 2.23 23.27 14.42
C LEU B 190 1.86 24.56 13.63
N GLU B 191 2.79 25.53 13.69
CA GLU B 191 2.63 26.86 13.14
C GLU B 191 1.96 26.90 11.77
N LYS B 192 2.60 26.24 10.85
CA LYS B 192 2.13 26.05 9.55
C LYS B 192 0.86 25.32 9.38
N ILE B 193 0.65 24.32 10.18
CA ILE B 193 -0.57 23.56 10.11
C ILE B 193 -1.72 24.42 10.59
N SER B 194 -1.50 25.07 11.69
CA SER B 194 -2.44 26.00 12.28
C SER B 194 -2.86 27.13 11.32
N ALA B 195 -1.88 27.75 10.69
CA ALA B 195 -2.16 28.77 9.76
C ALA B 195 -2.91 28.15 8.53
N TYR B 196 -2.59 26.93 8.07
CA TYR B 196 -3.31 26.39 6.95
C TYR B 196 -4.72 26.22 7.24
N MET B 197 -4.95 25.65 8.36
CA MET B 197 -6.18 25.39 8.84
C MET B 197 -7.02 26.65 8.97
N LYS B 198 -6.43 27.78 9.02
CA LYS B 198 -7.27 29.02 9.06
C LYS B 198 -7.40 29.64 7.67
N SER B 199 -7.00 28.97 6.60
CA SER B 199 -7.11 29.43 5.28
C SER B 199 -8.27 28.79 4.55
N SER B 200 -8.59 29.35 3.45
CA SER B 200 -9.70 28.86 2.68
C SER B 200 -9.25 27.71 1.92
N ARG B 201 -7.97 27.49 1.73
CA ARG B 201 -7.54 26.30 1.06
C ARG B 201 -7.72 25.07 1.86
N PHE B 202 -7.91 25.15 3.15
CA PHE B 202 -8.05 23.94 3.97
C PHE B 202 -9.30 23.27 3.53
N LEU B 203 -9.19 21.97 3.30
CA LEU B 203 -10.24 21.13 2.74
C LEU B 203 -10.50 19.75 3.45
N PRO B 204 -11.13 19.91 4.65
CA PRO B 204 -11.27 18.74 5.46
C PRO B 204 -12.40 17.80 5.22
N ARG B 205 -13.34 18.31 4.50
CA ARG B 205 -14.50 17.68 4.09
C ARG B 205 -14.81 18.16 2.74
N PRO B 206 -15.48 17.41 1.84
CA PRO B 206 -15.86 16.01 2.05
C PRO B 206 -14.69 15.12 2.15
N VAL B 207 -14.83 14.13 3.02
CA VAL B 207 -13.81 13.15 3.23
C VAL B 207 -13.58 12.30 1.98
N PHE B 208 -14.66 11.78 1.39
CA PHE B 208 -14.66 10.87 0.28
C PHE B 208 -15.33 11.44 -0.99
N THR B 209 -15.34 10.65 -2.04
CA THR B 209 -15.90 11.03 -3.31
C THR B 209 -17.45 10.99 -3.26
N LYS B 210 -18.09 11.53 -4.25
CA LYS B 210 -19.54 11.52 -4.37
C LYS B 210 -20.17 10.11 -4.35
N MET B 211 -19.39 9.11 -4.81
CA MET B 211 -19.81 7.74 -4.80
C MET B 211 -19.95 7.14 -3.39
N ALA B 212 -19.44 7.77 -2.33
CA ALA B 212 -19.49 7.20 -1.01
C ALA B 212 -20.85 7.23 -0.45
N VAL B 213 -21.16 6.36 0.41
CA VAL B 213 -22.42 6.37 1.15
C VAL B 213 -22.27 7.28 2.42
N TRP B 214 -21.10 7.29 3.07
CA TRP B 214 -20.83 8.15 4.17
C TRP B 214 -19.67 8.99 3.65
N GLY B 215 -19.66 10.22 4.02
CA GLY B 215 -18.66 11.21 3.69
C GLY B 215 -18.64 11.85 2.33
N ASN B 216 -19.73 11.67 1.63
CA ASN B 216 -19.82 12.14 0.25
C ASN B 216 -20.13 13.58 0.28
N LYS B 217 -20.43 14.17 1.41
CA LYS B 217 -20.71 15.56 1.47
C LYS B 217 -20.07 16.40 2.46
N1 GSH C . -1.20 -4.67 3.96
CA1 GSH C . -0.88 -5.98 4.55
C1 GSH C . 0.43 -6.51 3.97
O11 GSH C . 0.76 -6.12 2.91
O12 GSH C . 1.03 -7.33 4.63
CB1 GSH C . -2.04 -7.00 4.43
CG1 GSH C . -1.85 -8.26 5.31
CD1 GSH C . -3.07 -9.23 5.26
OE1 GSH C . -4.14 -8.84 4.86
N2 GSH C . -2.81 -10.45 5.70
CA2 GSH C . -3.80 -11.48 5.70
C2 GSH C . -4.00 -12.10 7.10
O2 GSH C . -4.50 -13.19 7.19
CB2 GSH C . -3.33 -12.67 4.84
SG2 GSH C . -2.98 -12.08 3.12
N3 GSH C . -3.58 -11.33 8.10
CA3 GSH C . -3.64 -11.83 9.45
C3 GSH C . -4.49 -11.16 10.47
O31 GSH C . -5.04 -10.12 10.13
O32 GSH C . -4.54 -11.71 11.57
N1 GSH D . -3.06 3.45 -4.40
CA1 GSH D . -3.50 4.77 -4.99
C1 GSH D . -2.82 5.92 -4.22
O11 GSH D . -2.68 6.94 -4.79
O12 GSH D . -2.52 5.67 -3.09
CB1 GSH D . -5.01 4.92 -5.09
CG1 GSH D . -5.43 6.03 -6.05
CD1 GSH D . -6.94 6.08 -6.32
OE1 GSH D . -7.64 5.13 -6.06
N2 GSH D . -7.36 7.24 -6.79
CA2 GSH D . -8.79 7.48 -7.08
C2 GSH D . -9.07 8.01 -8.49
O2 GSH D . -10.12 8.57 -8.72
CB2 GSH D . -9.32 8.58 -6.17
SG2 GSH D . -8.94 8.37 -4.40
N3 GSH D . -8.18 7.80 -9.41
CA3 GSH D . -8.35 8.32 -10.74
C3 GSH D . -8.39 7.33 -11.86
O31 GSH D . -8.75 7.73 -12.96
O32 GSH D . -8.05 6.21 -11.55
CAM NNE E . -10.39 7.28 -3.98
CAK NNE E . -10.29 6.97 -2.51
CAL NNE E . -11.34 7.75 -1.75
CAN NNE E . -10.88 9.10 -1.42
CAJ NNE E . -10.56 5.54 -2.28
OAA NNE E . -11.66 5.11 -2.07
CAD NNE E . -9.48 4.67 -2.34
CAI NNE E . -8.56 4.52 -1.38
CL1 NNE E . -8.70 5.37 -0.09
CAH NNE E . -7.55 3.56 -1.57
CL2 NNE E . -6.44 3.42 -0.47
CAE NNE E . -9.42 3.87 -3.45
CAF NNE E . -8.43 2.95 -3.64
CAG NNE E . -7.48 2.76 -2.68
OAW NNE E . -6.46 1.87 -2.81
CAT NNE E . -6.47 0.92 -3.88
CAU NNE E . -5.71 -0.32 -3.57
OBA NNE E . -5.93 -1.37 -4.07
NAV NNE E . -4.71 -0.09 -2.75
CAX NNE E . -3.79 -1.11 -2.38
CAY NNE E . -4.10 -1.84 -1.16
CAS NNE E . -3.72 -0.95 -0.14
CAR NNE E . -4.33 -1.31 1.20
NAQ NNE E . -4.32 -2.71 1.57
CAP NNE E . -5.24 -3.21 2.35
OAZ NNE E . -6.11 -2.55 2.77
CAO NNE E . -5.11 -4.73 2.71
OBH NNE E . -4.43 -5.42 1.68
CBE NNE E . -4.72 -6.74 1.46
CBD NNE E . -4.12 -7.37 0.39
CL3 NNE E . -3.15 -6.41 -0.60
CBC NNE E . -4.35 -8.71 0.09
CL4 NNE E . -3.65 -9.40 -1.25
CBF NNE E . -5.55 -7.50 2.24
CBG NNE E . -5.78 -8.85 1.96
CBB NNE E . -5.21 -9.46 0.86
CBI NNE E . -5.48 -10.78 0.59
OBL NNE E . -6.59 -11.15 0.21
CBJ NNE E . -4.40 -11.73 0.87
CBK NNE E . -4.59 -12.90 -0.06
CBN NNE E . -3.55 -13.92 -0.05
CBM NNE E . -4.63 -12.14 2.29
#